data_3RF3
#
_entry.id   3RF3
#
_cell.length_a   53.583
_cell.length_b   85.319
_cell.length_c   137.904
_cell.angle_alpha   90.00
_cell.angle_beta   90.00
_cell.angle_gamma   90.00
#
_symmetry.space_group_name_H-M   'P 21 21 21'
#
loop_
_entity.id
_entity.type
_entity.pdbx_description
1 polymer Vinculin
2 polymer 'Invasin ipaA'
3 non-polymer 'CACODYLATE ION'
4 water water
#
loop_
_entity_poly.entity_id
_entity_poly.type
_entity_poly.pdbx_seq_one_letter_code
_entity_poly.pdbx_strand_id
1 'polypeptide(L)'
;MPVFHTRTIESILEPVAQQISHLVIMHEEGEVDGKAIPDLTAPVAAVQAAVSNLVRVGKETVQTTEDQILKRDMPPAFIK
VENACTKLVQAAQMLQSDPYSVPARDYLIDGSRGILSGTSDLLLTFDEAEVRKIIRVCKGILEYLTVAEVVETMEDLVTY
TKNLGPGMTKMAKMIDERQQELTHQEHRVMLVNSMNTVKELLPVLISAMKIFVTTKNSKNQGIEEALKNRNFTVEKMSAE
INEIIRVLQLTSWDEDAW
;
A,B
2 'polypeptide(L)' GSHMTRETIFEASKKVTNSLSNLISLIGT C,D
#
# COMPACT_ATOMS: atom_id res chain seq x y z
N PRO A 2 2.17 -16.31 -5.98
CA PRO A 2 3.13 -16.02 -4.92
C PRO A 2 2.49 -15.92 -3.55
N VAL A 3 3.25 -16.26 -2.49
CA VAL A 3 2.76 -16.19 -1.10
C VAL A 3 3.70 -15.26 -0.34
N PHE A 4 3.16 -14.20 0.27
CA PHE A 4 3.93 -13.21 1.02
C PHE A 4 3.61 -13.28 2.48
N HIS A 5 4.44 -12.65 3.31
CA HIS A 5 4.25 -12.74 4.76
C HIS A 5 3.05 -11.93 5.26
N THR A 6 2.88 -10.71 4.72
CA THR A 6 1.84 -9.81 5.15
C THR A 6 1.18 -9.18 3.95
N ARG A 7 0.03 -8.59 4.18
CA ARG A 7 -0.69 -7.86 3.13
C ARG A 7 0.09 -6.62 2.75
N THR A 8 0.80 -6.00 3.68
CA THR A 8 1.65 -4.82 3.33
C THR A 8 2.67 -5.26 2.30
N ILE A 9 3.41 -6.34 2.58
CA ILE A 9 4.45 -6.78 1.66
C ILE A 9 3.86 -7.20 0.31
N GLU A 10 2.77 -7.96 0.32
CA GLU A 10 2.07 -8.38 -0.88
C GLU A 10 1.67 -7.15 -1.72
N SER A 11 1.16 -6.11 -1.06
CA SER A 11 0.68 -4.89 -1.76
C SER A 11 1.77 -4.17 -2.48
N ILE A 12 3.02 -4.34 -2.04
CA ILE A 12 4.16 -3.66 -2.66
C ILE A 12 4.83 -4.54 -3.69
N LEU A 13 5.06 -5.82 -3.34
CA LEU A 13 5.78 -6.73 -4.22
C LEU A 13 4.97 -7.22 -5.39
N GLU A 14 3.63 -7.06 -5.33
CA GLU A 14 2.75 -7.37 -6.45
C GLU A 14 2.36 -6.05 -7.10
N PRO A 15 2.24 -6.02 -8.43
CA PRO A 15 2.26 -7.16 -9.36
C PRO A 15 3.61 -7.65 -9.87
N VAL A 16 4.72 -6.99 -9.55
CA VAL A 16 6.00 -7.35 -10.18
C VAL A 16 6.53 -8.74 -9.84
N ALA A 17 6.26 -9.22 -8.62
CA ALA A 17 6.78 -10.54 -8.22
C ALA A 17 6.23 -11.63 -9.11
N GLN A 18 4.91 -11.58 -9.40
CA GLN A 18 4.31 -12.56 -10.31
C GLN A 18 4.82 -12.35 -11.74
N GLN A 19 5.05 -11.08 -12.20
CA GLN A 19 5.62 -10.81 -13.51
C GLN A 19 7.01 -11.42 -13.67
N ILE A 20 7.86 -11.28 -12.66
CA ILE A 20 9.23 -11.80 -12.73
C ILE A 20 9.17 -13.32 -12.65
N SER A 21 8.32 -13.87 -11.77
CA SER A 21 8.18 -15.34 -11.66
C SER A 21 7.83 -15.93 -13.02
N HIS A 22 6.89 -15.28 -13.75
CA HIS A 22 6.47 -15.68 -15.11
C HIS A 22 7.56 -15.55 -16.15
N LEU A 23 8.19 -14.37 -16.17
CA LEU A 23 9.26 -14.04 -17.11
C LEU A 23 10.42 -15.03 -17.02
N VAL A 24 10.75 -15.52 -15.80
CA VAL A 24 11.81 -16.50 -15.60
C VAL A 24 11.42 -17.84 -16.27
N ILE A 25 10.16 -18.31 -16.15
CA ILE A 25 9.69 -19.53 -16.84
C ILE A 25 9.76 -19.33 -18.37
N MET A 26 9.41 -18.12 -18.86
CA MET A 26 9.48 -17.80 -20.29
C MET A 26 10.95 -17.76 -20.78
N HIS A 27 11.89 -17.43 -19.88
CA HIS A 27 13.32 -17.33 -20.17
C HIS A 27 14.14 -18.02 -19.08
N GLU A 28 13.88 -19.34 -18.86
CA GLU A 28 14.52 -20.17 -17.81
C GLU A 28 16.00 -19.83 -17.62
N GLU A 29 16.68 -19.74 -18.76
CA GLU A 29 18.10 -19.43 -19.02
C GLU A 29 18.29 -20.06 -20.40
N GLY A 30 18.87 -19.34 -21.35
CA GLY A 30 19.07 -19.90 -22.68
C GLY A 30 18.35 -19.08 -23.73
N GLU A 31 17.05 -18.71 -23.48
CA GLU A 31 16.39 -17.66 -24.26
C GLU A 31 16.42 -17.73 -25.81
N VAL A 32 16.27 -18.91 -26.44
CA VAL A 32 16.30 -18.90 -27.91
C VAL A 32 14.88 -18.66 -28.50
N ASP A 33 14.51 -17.39 -28.67
CA ASP A 33 13.29 -16.97 -29.34
C ASP A 33 13.55 -16.12 -30.58
N GLY A 34 14.77 -15.61 -30.72
CA GLY A 34 15.15 -14.79 -31.86
C GLY A 34 14.40 -13.47 -31.94
N LYS A 35 13.86 -12.99 -30.81
CA LYS A 35 13.10 -11.76 -30.75
C LYS A 35 13.95 -10.63 -30.16
N ALA A 36 13.57 -9.40 -30.50
CA ALA A 36 14.27 -8.18 -30.09
C ALA A 36 13.57 -7.58 -28.91
N ILE A 37 14.35 -7.00 -28.00
CA ILE A 37 13.80 -6.28 -26.84
C ILE A 37 13.78 -4.79 -27.24
N PRO A 38 12.66 -4.06 -26.99
CA PRO A 38 12.63 -2.63 -27.29
C PRO A 38 13.61 -1.80 -26.43
N ASP A 39 13.84 -0.53 -26.77
CA ASP A 39 14.77 0.34 -26.05
C ASP A 39 14.31 0.52 -24.59
N LEU A 40 15.13 0.10 -23.66
CA LEU A 40 14.80 0.15 -22.25
C LEU A 40 15.48 1.32 -21.55
N THR A 41 16.17 2.22 -22.24
CA THR A 41 16.92 3.27 -21.59
C THR A 41 16.09 4.11 -20.60
N ALA A 42 14.93 4.63 -21.04
CA ALA A 42 14.12 5.50 -20.16
C ALA A 42 13.44 4.72 -19.04
N PRO A 43 12.81 3.55 -19.34
CA PRO A 43 12.25 2.74 -18.23
C PRO A 43 13.32 2.33 -17.21
N VAL A 44 14.53 2.00 -17.67
CA VAL A 44 15.60 1.64 -16.75
C VAL A 44 16.06 2.86 -15.96
N ALA A 45 16.14 4.03 -16.57
CA ALA A 45 16.50 5.24 -15.82
C ALA A 45 15.46 5.48 -14.70
N ALA A 46 14.17 5.18 -14.93
CA ALA A 46 13.15 5.33 -13.91
C ALA A 46 13.37 4.36 -12.74
N VAL A 47 13.77 3.13 -13.07
CA VAL A 47 14.11 2.17 -12.00
C VAL A 47 15.33 2.69 -11.18
N GLN A 48 16.38 3.16 -11.86
CA GLN A 48 17.56 3.65 -11.18
C GLN A 48 17.20 4.81 -10.24
N ALA A 49 16.34 5.74 -10.69
CA ALA A 49 15.96 6.86 -9.84
C ALA A 49 15.18 6.38 -8.64
N ALA A 50 14.27 5.42 -8.85
CA ALA A 50 13.50 4.88 -7.75
C ALA A 50 14.39 4.13 -6.76
N VAL A 51 15.35 3.34 -7.25
CA VAL A 51 16.27 2.61 -6.39
C VAL A 51 17.13 3.56 -5.56
N SER A 52 17.73 4.57 -6.20
CA SER A 52 18.51 5.54 -5.45
C SER A 52 17.67 6.21 -4.35
N ASN A 53 16.40 6.52 -4.65
CA ASN A 53 15.51 7.16 -3.69
C ASN A 53 15.21 6.22 -2.52
N LEU A 54 14.99 4.92 -2.83
CA LEU A 54 14.74 3.95 -1.78
C LEU A 54 15.93 3.84 -0.80
N VAL A 55 17.16 3.81 -1.35
CA VAL A 55 18.35 3.73 -0.53
C VAL A 55 18.47 5.01 0.34
N ARG A 56 18.18 6.18 -0.24
CA ARG A 56 18.17 7.45 0.53
C ARG A 56 17.17 7.38 1.70
N VAL A 57 15.94 6.92 1.45
CA VAL A 57 14.93 6.82 2.49
C VAL A 57 15.35 5.83 3.56
N GLY A 58 15.88 4.67 3.16
CA GLY A 58 16.34 3.67 4.12
C GLY A 58 17.43 4.20 5.03
N LYS A 59 18.37 4.93 4.46
CA LYS A 59 19.45 5.55 5.24
C LYS A 59 18.95 6.53 6.32
N GLU A 60 17.75 7.13 6.14
CA GLU A 60 17.20 8.02 7.18
C GLU A 60 16.88 7.26 8.43
N THR A 61 16.40 6.03 8.26
CA THR A 61 16.13 5.18 9.41
C THR A 61 17.45 4.75 9.99
N VAL A 62 18.43 4.34 9.16
CA VAL A 62 19.74 3.89 9.68
C VAL A 62 20.36 4.98 10.54
N GLN A 63 20.36 6.24 10.06
CA GLN A 63 20.96 7.35 10.83
C GLN A 63 20.22 7.75 12.11
N THR A 64 18.91 7.52 12.22
CA THR A 64 18.11 7.92 13.40
C THR A 64 17.76 6.81 14.39
N THR A 65 17.54 5.58 13.91
CA THR A 65 17.14 4.48 14.78
C THR A 65 18.16 4.10 15.88
N GLU A 66 17.65 3.57 16.99
CA GLU A 66 18.46 3.02 18.07
C GLU A 66 18.44 1.49 17.96
N ASP A 67 17.61 0.94 17.05
CA ASP A 67 17.45 -0.49 16.85
C ASP A 67 18.68 -0.97 16.08
N GLN A 68 19.58 -1.68 16.77
CA GLN A 68 20.82 -2.16 16.17
C GLN A 68 20.60 -3.26 15.14
N ILE A 69 19.51 -4.02 15.27
CA ILE A 69 19.18 -5.07 14.30
C ILE A 69 18.80 -4.39 12.94
N LEU A 70 18.30 -3.08 12.88
CA LEU A 70 18.07 -2.33 11.62
C LEU A 70 19.36 -1.78 11.01
N LYS A 71 20.23 -1.24 11.87
CA LYS A 71 21.51 -0.72 11.40
C LYS A 71 22.31 -1.84 10.78
N ARG A 72 22.14 -3.09 11.24
CA ARG A 72 22.88 -4.23 10.70
C ARG A 72 22.30 -4.80 9.41
N ASP A 73 20.96 -4.93 9.35
CA ASP A 73 20.27 -5.56 8.24
C ASP A 73 19.86 -4.67 7.08
N MET A 74 19.71 -3.34 7.28
CA MET A 74 19.37 -2.47 6.15
C MET A 74 20.52 -2.23 5.18
N PRO A 75 21.76 -1.94 5.62
CA PRO A 75 22.81 -1.70 4.64
C PRO A 75 23.04 -2.82 3.60
N PRO A 76 23.04 -4.12 3.94
CA PRO A 76 23.23 -5.15 2.89
C PRO A 76 22.14 -5.13 1.80
N ALA A 77 20.91 -4.74 2.15
CA ALA A 77 19.83 -4.65 1.16
C ALA A 77 20.10 -3.50 0.21
N PHE A 78 20.69 -2.40 0.72
CA PHE A 78 21.03 -1.27 -0.17
C PHE A 78 22.03 -1.74 -1.21
N ILE A 79 23.05 -2.48 -0.79
CA ILE A 79 24.06 -3.03 -1.69
C ILE A 79 23.41 -3.94 -2.73
N LYS A 80 22.48 -4.81 -2.31
CA LYS A 80 21.81 -5.73 -3.23
C LYS A 80 21.04 -4.96 -4.32
N VAL A 81 20.25 -3.92 -3.94
CA VAL A 81 19.48 -3.20 -4.95
C VAL A 81 20.40 -2.38 -5.85
N GLU A 82 21.45 -1.78 -5.26
CA GLU A 82 22.38 -0.94 -6.04
C GLU A 82 23.11 -1.80 -7.04
N ASN A 83 23.65 -2.94 -6.60
CA ASN A 83 24.38 -3.82 -7.52
C ASN A 83 23.46 -4.37 -8.60
N ALA A 84 22.24 -4.76 -8.21
CA ALA A 84 21.26 -5.29 -9.16
C ALA A 84 20.86 -4.24 -10.18
N CYS A 85 20.76 -2.98 -9.73
CA CYS A 85 20.42 -1.91 -10.65
C CYS A 85 21.57 -1.62 -11.62
N THR A 86 22.82 -1.71 -11.14
CA THR A 86 23.97 -1.53 -12.04
C THR A 86 23.85 -2.58 -13.16
N LYS A 87 23.51 -3.85 -12.82
CA LYS A 87 23.32 -4.89 -13.84
C LYS A 87 22.21 -4.52 -14.80
N LEU A 88 21.11 -4.01 -14.29
CA LEU A 88 19.98 -3.62 -15.13
C LEU A 88 20.34 -2.49 -16.15
N VAL A 89 21.13 -1.50 -15.72
CA VAL A 89 21.59 -0.40 -16.56
C VAL A 89 22.53 -0.96 -17.63
N GLN A 90 23.44 -1.83 -17.23
CA GLN A 90 24.35 -2.49 -18.18
C GLN A 90 23.56 -3.26 -19.22
N ALA A 91 22.60 -4.06 -18.75
CA ALA A 91 21.75 -4.85 -19.64
C ALA A 91 21.05 -3.96 -20.64
N ALA A 92 20.51 -2.79 -20.22
CA ALA A 92 19.80 -1.90 -21.16
C ALA A 92 20.71 -1.29 -22.20
N GLN A 93 21.95 -0.99 -21.80
CA GLN A 93 22.96 -0.46 -22.71
C GLN A 93 23.30 -1.57 -23.71
N MET A 94 23.52 -2.79 -23.22
CA MET A 94 23.84 -3.93 -24.12
C MET A 94 22.70 -4.18 -25.10
N LEU A 95 21.46 -4.16 -24.61
CA LEU A 95 20.29 -4.40 -25.48
C LEU A 95 20.04 -3.25 -26.43
N GLN A 96 20.42 -2.02 -26.05
CA GLN A 96 20.26 -0.91 -27.00
C GLN A 96 21.24 -1.13 -28.19
N SER A 97 22.44 -1.66 -27.91
CA SER A 97 23.44 -1.91 -28.95
C SER A 97 23.04 -3.16 -29.75
N ASP A 98 22.50 -4.14 -29.06
CA ASP A 98 22.15 -5.44 -29.64
C ASP A 98 20.79 -5.98 -29.00
N PRO A 99 19.64 -5.52 -29.55
CA PRO A 99 18.33 -5.93 -29.04
C PRO A 99 18.04 -7.43 -29.00
N TYR A 100 18.75 -8.22 -29.84
CA TYR A 100 18.58 -9.66 -29.90
C TYR A 100 19.54 -10.41 -28.98
N SER A 101 20.38 -9.70 -28.18
CA SER A 101 21.31 -10.37 -27.28
C SER A 101 20.68 -11.27 -26.24
N VAL A 102 21.09 -12.56 -26.20
CA VAL A 102 20.64 -13.50 -25.17
C VAL A 102 21.40 -13.21 -23.87
N PRO A 103 22.76 -13.09 -23.84
CA PRO A 103 23.42 -12.81 -22.55
C PRO A 103 22.92 -11.54 -21.87
N ALA A 104 22.57 -10.48 -22.61
CA ALA A 104 22.07 -9.23 -22.00
C ALA A 104 20.69 -9.36 -21.42
N ARG A 105 19.81 -10.08 -22.13
CA ARG A 105 18.43 -10.29 -21.67
C ARG A 105 18.46 -10.96 -20.32
N ASP A 106 19.49 -11.83 -20.11
CA ASP A 106 19.71 -12.49 -18.84
C ASP A 106 20.30 -11.58 -17.70
N TYR A 107 21.20 -10.53 -17.95
CA TYR A 107 21.68 -9.49 -16.98
C TYR A 107 20.40 -8.82 -16.54
N LEU A 108 19.55 -8.55 -17.52
CA LEU A 108 18.30 -7.82 -17.31
C LEU A 108 17.40 -8.55 -16.34
N ILE A 109 17.17 -9.82 -16.60
CA ILE A 109 16.31 -10.65 -15.75
C ILE A 109 16.97 -10.82 -14.36
N ASP A 110 18.29 -11.01 -14.30
CA ASP A 110 19.03 -11.15 -13.04
C ASP A 110 18.98 -9.83 -12.21
N GLY A 111 19.21 -8.69 -12.87
CA GLY A 111 19.11 -7.39 -12.22
C GLY A 111 17.71 -7.16 -11.65
N SER A 112 16.68 -7.56 -12.41
CA SER A 112 15.29 -7.41 -11.94
C SER A 112 15.05 -8.28 -10.70
N ARG A 113 15.53 -9.53 -10.71
CA ARG A 113 15.39 -10.42 -9.54
C ARG A 113 16.09 -9.84 -8.30
N GLY A 114 17.26 -9.25 -8.53
CA GLY A 114 18.04 -8.64 -7.47
C GLY A 114 17.37 -7.44 -6.84
N ILE A 115 16.74 -6.59 -7.67
CA ILE A 115 16.01 -5.44 -7.16
C ILE A 115 14.84 -5.93 -6.30
N LEU A 116 14.10 -6.90 -6.80
CA LEU A 116 12.95 -7.47 -6.07
C LEU A 116 13.43 -8.08 -4.76
N SER A 117 14.54 -8.81 -4.79
CA SER A 117 15.10 -9.45 -3.57
C SER A 117 15.53 -8.45 -2.51
N GLY A 118 16.28 -7.42 -2.87
CA GLY A 118 16.67 -6.40 -1.91
C GLY A 118 15.51 -5.59 -1.36
N THR A 119 14.48 -5.33 -2.20
CA THR A 119 13.32 -4.58 -1.75
C THR A 119 12.57 -5.43 -0.72
N SER A 120 12.39 -6.71 -1.07
CA SER A 120 11.77 -7.68 -0.18
C SER A 120 12.55 -7.75 1.16
N ASP A 121 13.89 -7.84 1.11
CA ASP A 121 14.71 -7.84 2.33
C ASP A 121 14.47 -6.61 3.20
N LEU A 122 14.42 -5.39 2.63
CA LEU A 122 14.12 -4.18 3.42
C LEU A 122 12.77 -4.31 4.05
N LEU A 123 11.76 -4.75 3.29
CA LEU A 123 10.43 -4.83 3.88
C LEU A 123 10.37 -5.86 4.99
N LEU A 124 11.06 -6.98 4.82
CA LEU A 124 11.10 -8.00 5.88
C LEU A 124 11.83 -7.47 7.14
N THR A 125 12.86 -6.65 6.96
CA THR A 125 13.55 -6.04 8.11
C THR A 125 12.62 -5.16 8.92
N PHE A 126 11.79 -4.34 8.24
CA PHE A 126 10.83 -3.50 8.92
C PHE A 126 9.80 -4.38 9.61
N ASP A 127 9.36 -5.44 8.92
CA ASP A 127 8.36 -6.35 9.48
C ASP A 127 8.89 -7.00 10.76
N GLU A 128 10.11 -7.49 10.69
CA GLU A 128 10.76 -8.12 11.86
C GLU A 128 10.88 -7.17 13.03
N ALA A 129 11.15 -5.87 12.80
CA ALA A 129 11.20 -4.85 13.85
C ALA A 129 9.82 -4.64 14.46
N GLU A 130 8.74 -4.67 13.64
CA GLU A 130 7.39 -4.54 14.19
C GLU A 130 7.11 -5.73 15.09
N VAL A 131 7.50 -6.94 14.64
CA VAL A 131 7.26 -8.15 15.45
C VAL A 131 8.04 -8.08 16.78
N ARG A 132 9.27 -7.57 16.75
CA ARG A 132 10.02 -7.42 18.01
C ARG A 132 9.30 -6.52 19.00
N LYS A 133 8.66 -5.45 18.51
CA LYS A 133 7.91 -4.51 19.34
C LYS A 133 6.71 -5.22 19.98
N ILE A 134 6.00 -6.03 19.19
CA ILE A 134 4.87 -6.77 19.75
C ILE A 134 5.34 -7.77 20.80
N ILE A 135 6.42 -8.49 20.50
CA ILE A 135 6.94 -9.48 21.45
C ILE A 135 7.37 -8.82 22.77
N ARG A 136 7.95 -7.62 22.73
CA ARG A 136 8.29 -6.90 23.96
C ARG A 136 7.07 -6.70 24.87
N VAL A 137 5.94 -6.34 24.28
CA VAL A 137 4.69 -6.17 25.02
C VAL A 137 4.24 -7.52 25.58
N CYS A 138 4.28 -8.58 24.77
CA CYS A 138 3.91 -9.91 25.26
C CYS A 138 4.76 -10.33 26.46
N LYS A 139 6.06 -10.11 26.34
CA LYS A 139 6.99 -10.46 27.41
C LYS A 139 6.76 -9.60 28.65
N GLY A 140 6.30 -8.36 28.47
CA GLY A 140 5.97 -7.54 29.61
C GLY A 140 4.77 -8.08 30.38
N ILE A 141 3.78 -8.60 29.65
CA ILE A 141 2.63 -9.23 30.31
C ILE A 141 3.09 -10.49 31.03
N LEU A 142 3.93 -11.32 30.37
CA LEU A 142 4.45 -12.53 31.04
C LEU A 142 5.15 -12.14 32.35
N GLU A 143 5.95 -11.09 32.30
CA GLU A 143 6.67 -10.63 33.49
C GLU A 143 5.72 -10.17 34.58
N TYR A 144 4.70 -9.37 34.24
CA TYR A 144 3.75 -8.94 35.27
C TYR A 144 2.94 -10.10 35.83
N LEU A 145 2.73 -11.15 35.03
CA LEU A 145 2.04 -12.34 35.54
C LEU A 145 2.85 -13.04 36.62
N THR A 146 4.19 -12.95 36.57
CA THR A 146 5.03 -13.51 37.64
C THR A 146 4.84 -12.79 38.98
N VAL A 147 4.29 -11.57 38.98
CA VAL A 147 4.05 -10.79 40.19
C VAL A 147 2.74 -11.18 40.86
N ALA A 148 1.83 -11.88 40.14
CA ALA A 148 0.57 -12.28 40.76
C ALA A 148 0.77 -13.01 42.09
N GLU A 149 1.79 -13.87 42.18
CA GLU A 149 2.05 -14.66 43.38
C GLU A 149 2.42 -13.87 44.62
N VAL A 150 2.86 -12.61 44.44
CA VAL A 150 3.29 -11.70 45.53
C VAL A 150 2.08 -10.99 46.18
N VAL A 151 0.95 -10.94 45.47
CA VAL A 151 -0.26 -10.25 45.91
C VAL A 151 -0.93 -11.01 47.07
N GLU A 152 -0.93 -10.39 48.28
CA GLU A 152 -1.50 -10.99 49.51
C GLU A 152 -2.56 -10.11 50.21
N THR A 153 -2.91 -8.93 49.66
CA THR A 153 -3.94 -8.05 50.22
C THR A 153 -4.90 -7.59 49.14
N MET A 154 -6.10 -7.20 49.54
CA MET A 154 -7.13 -6.71 48.62
C MET A 154 -6.72 -5.41 47.99
N GLU A 155 -6.00 -4.55 48.73
CA GLU A 155 -5.55 -3.27 48.20
C GLU A 155 -4.55 -3.54 47.09
N ASP A 156 -3.63 -4.50 47.31
CA ASP A 156 -2.65 -4.86 46.28
C ASP A 156 -3.31 -5.58 45.10
N LEU A 157 -4.41 -6.32 45.32
CA LEU A 157 -5.14 -6.95 44.22
C LEU A 157 -5.84 -5.90 43.35
N VAL A 158 -6.44 -4.87 43.97
CA VAL A 158 -7.04 -3.78 43.19
C VAL A 158 -5.97 -3.11 42.32
N THR A 159 -4.81 -2.82 42.90
CA THR A 159 -3.71 -2.22 42.15
C THR A 159 -3.27 -3.13 41.01
N TYR A 160 -3.10 -4.42 41.31
CA TYR A 160 -2.69 -5.42 40.31
C TYR A 160 -3.66 -5.46 39.12
N THR A 161 -4.96 -5.52 39.42
CA THR A 161 -6.00 -5.56 38.39
C THR A 161 -5.99 -4.31 37.55
N LYS A 162 -5.82 -3.14 38.19
CA LYS A 162 -5.78 -1.86 37.48
C LYS A 162 -4.58 -1.69 36.58
N ASN A 163 -3.49 -2.44 36.83
CA ASN A 163 -2.30 -2.42 35.97
C ASN A 163 -2.46 -3.49 34.88
N LEU A 164 -2.84 -4.70 35.24
CA LEU A 164 -2.92 -5.79 34.27
C LEU A 164 -3.99 -5.62 33.19
N GLY A 165 -5.20 -5.17 33.57
CA GLY A 165 -6.28 -4.99 32.60
C GLY A 165 -5.88 -4.13 31.41
N PRO A 166 -5.48 -2.87 31.64
CA PRO A 166 -5.03 -2.03 30.53
C PRO A 166 -3.82 -2.58 29.75
N GLY A 167 -2.92 -3.27 30.43
CA GLY A 167 -1.76 -3.86 29.77
C GLY A 167 -2.20 -4.95 28.82
N MET A 168 -3.17 -5.77 29.26
CA MET A 168 -3.71 -6.85 28.42
C MET A 168 -4.47 -6.27 27.24
N THR A 169 -5.16 -5.16 27.46
CA THR A 169 -5.89 -4.48 26.38
C THR A 169 -4.92 -4.01 25.30
N LYS A 170 -3.75 -3.46 25.72
CA LYS A 170 -2.72 -3.02 24.78
C LYS A 170 -2.18 -4.22 23.98
N MET A 171 -1.88 -5.30 24.70
CA MET A 171 -1.39 -6.51 24.01
C MET A 171 -2.42 -7.00 23.00
N ALA A 172 -3.70 -7.09 23.41
CA ALA A 172 -4.78 -7.56 22.53
C ALA A 172 -4.88 -6.68 21.29
N LYS A 173 -4.76 -5.37 21.46
CA LYS A 173 -4.83 -4.44 20.31
C LYS A 173 -3.70 -4.70 19.32
N MET A 174 -2.47 -4.91 19.81
CA MET A 174 -1.32 -5.18 18.98
C MET A 174 -1.46 -6.52 18.25
N ILE A 175 -1.98 -7.53 18.96
CA ILE A 175 -2.17 -8.82 18.29
C ILE A 175 -3.25 -8.70 17.23
N ASP A 176 -4.32 -7.99 17.51
CA ASP A 176 -5.41 -7.81 16.54
C ASP A 176 -4.91 -7.08 15.29
N GLU A 177 -4.14 -6.01 15.48
CA GLU A 177 -3.58 -5.24 14.36
C GLU A 177 -2.57 -6.06 13.54
N ARG A 178 -1.87 -6.98 14.18
CA ARG A 178 -0.92 -7.83 13.46
C ARG A 178 -1.64 -8.91 12.69
N GLN A 179 -2.49 -9.67 13.36
CA GLN A 179 -3.11 -10.82 12.71
C GLN A 179 -3.89 -10.42 11.49
N GLN A 180 -4.59 -9.27 11.53
CA GLN A 180 -5.42 -8.86 10.40
C GLN A 180 -4.69 -8.76 9.09
N GLU A 181 -3.38 -8.50 9.13
CA GLU A 181 -2.64 -8.40 7.87
C GLU A 181 -1.74 -9.60 7.57
N LEU A 182 -1.82 -10.68 8.35
CA LEU A 182 -1.08 -11.87 7.99
C LEU A 182 -1.82 -12.56 6.87
N THR A 183 -1.10 -13.14 5.94
CA THR A 183 -1.74 -13.79 4.80
C THR A 183 -2.17 -15.21 5.09
N HIS A 184 -1.60 -15.86 6.13
CA HIS A 184 -1.89 -17.25 6.45
C HIS A 184 -3.03 -17.34 7.41
N GLN A 185 -4.19 -17.82 6.92
CA GLN A 185 -5.38 -17.95 7.73
C GLN A 185 -5.13 -18.74 8.98
N GLU A 186 -4.35 -19.82 8.90
CA GLU A 186 -4.08 -20.68 10.05
C GLU A 186 -3.38 -19.92 11.18
N HIS A 187 -2.47 -19.02 10.82
CA HIS A 187 -1.76 -18.20 11.81
C HIS A 187 -2.67 -17.14 12.40
N ARG A 188 -3.55 -16.51 11.60
CA ARG A 188 -4.53 -15.54 12.13
C ARG A 188 -5.42 -16.24 13.16
N VAL A 189 -5.93 -17.44 12.80
CA VAL A 189 -6.79 -18.22 13.71
C VAL A 189 -6.05 -18.56 15.00
N MET A 190 -4.80 -19.01 14.91
CA MET A 190 -4.02 -19.34 16.12
C MET A 190 -3.83 -18.13 17.03
N LEU A 191 -3.52 -16.96 16.44
CA LEU A 191 -3.36 -15.77 17.24
C LEU A 191 -4.66 -15.28 17.88
N VAL A 192 -5.76 -15.28 17.12
CA VAL A 192 -7.05 -14.85 17.64
C VAL A 192 -7.52 -15.80 18.76
N ASN A 193 -7.35 -17.10 18.54
CA ASN A 193 -7.78 -18.08 19.56
C ASN A 193 -6.94 -17.96 20.81
N SER A 194 -5.61 -17.83 20.67
CA SER A 194 -4.77 -17.68 21.84
C SER A 194 -5.06 -16.41 22.61
N MET A 195 -5.22 -15.28 21.90
CA MET A 195 -5.52 -14.04 22.60
C MET A 195 -6.89 -14.13 23.31
N ASN A 196 -7.88 -14.78 22.69
CA ASN A 196 -9.17 -14.97 23.33
C ASN A 196 -9.03 -15.83 24.58
N THR A 197 -8.23 -16.90 24.53
CA THR A 197 -8.01 -17.72 25.72
C THR A 197 -7.43 -16.87 26.85
N VAL A 198 -6.41 -16.05 26.54
CA VAL A 198 -5.78 -15.22 27.56
C VAL A 198 -6.80 -14.21 28.13
N LYS A 199 -7.59 -13.57 27.26
CA LYS A 199 -8.61 -12.62 27.72
C LYS A 199 -9.63 -13.28 28.63
N GLU A 200 -10.05 -14.49 28.30
CA GLU A 200 -11.03 -15.24 29.09
C GLU A 200 -10.44 -15.70 30.43
N LEU A 201 -9.14 -16.00 30.46
CA LEU A 201 -8.49 -16.39 31.71
C LEU A 201 -8.23 -15.23 32.67
N LEU A 202 -8.16 -14.00 32.16
CA LEU A 202 -7.89 -12.85 33.03
C LEU A 202 -8.88 -12.71 34.18
N PRO A 203 -10.20 -12.67 33.97
CA PRO A 203 -11.12 -12.61 35.14
C PRO A 203 -11.04 -13.83 36.04
N VAL A 204 -10.67 -15.00 35.48
CA VAL A 204 -10.49 -16.22 36.26
C VAL A 204 -9.31 -16.02 37.19
N LEU A 205 -8.23 -15.45 36.66
CA LEU A 205 -7.05 -15.16 37.48
C LEU A 205 -7.40 -14.20 38.60
N ILE A 206 -8.09 -13.11 38.28
CA ILE A 206 -8.40 -12.11 39.30
C ILE A 206 -9.29 -12.72 40.39
N SER A 207 -10.25 -13.54 39.98
CA SER A 207 -11.11 -14.24 40.93
C SER A 207 -10.31 -15.20 41.83
N ALA A 208 -9.35 -15.94 41.25
CA ALA A 208 -8.51 -16.86 42.01
C ALA A 208 -7.64 -16.10 43.00
N MET A 209 -7.15 -14.91 42.59
CA MET A 209 -6.34 -14.08 43.48
C MET A 209 -7.18 -13.56 44.62
N LYS A 210 -8.43 -13.16 44.33
CA LYS A 210 -9.34 -12.69 45.38
C LYS A 210 -9.59 -13.81 46.39
N ILE A 211 -9.77 -15.07 45.91
CA ILE A 211 -9.96 -16.20 46.83
C ILE A 211 -8.69 -16.41 47.69
N PHE A 212 -7.52 -16.38 47.07
CA PHE A 212 -6.26 -16.52 47.78
C PHE A 212 -6.11 -15.47 48.86
N VAL A 213 -6.34 -14.20 48.54
CA VAL A 213 -6.18 -13.11 49.52
C VAL A 213 -7.13 -13.36 50.69
N THR A 214 -8.39 -13.74 50.40
CA THR A 214 -9.40 -14.00 51.44
C THR A 214 -8.95 -15.11 52.36
N THR A 215 -8.44 -16.20 51.76
CA THR A 215 -7.99 -17.33 52.58
C THR A 215 -6.78 -16.94 53.43
N LYS A 216 -5.85 -16.14 52.87
CA LYS A 216 -4.67 -15.64 53.58
C LYS A 216 -5.09 -14.80 54.76
N ASN A 217 -5.97 -13.82 54.53
CA ASN A 217 -6.41 -12.90 55.58
C ASN A 217 -7.16 -13.59 56.67
N SER A 218 -8.00 -14.56 56.32
CA SER A 218 -8.78 -15.27 57.32
C SER A 218 -7.93 -16.30 58.08
N LYS A 219 -6.73 -16.62 57.56
CA LYS A 219 -5.85 -17.66 58.08
C LYS A 219 -6.62 -18.97 58.15
N ASN A 220 -7.42 -19.27 57.10
CA ASN A 220 -8.21 -20.50 57.07
C ASN A 220 -7.46 -21.60 56.33
N GLN A 221 -8.01 -22.83 56.35
CA GLN A 221 -7.39 -23.98 55.69
C GLN A 221 -7.44 -24.00 54.15
N GLY A 222 -8.06 -23.01 53.52
CA GLY A 222 -8.15 -22.98 52.06
C GLY A 222 -6.97 -22.40 51.29
N ILE A 223 -5.85 -22.05 51.96
CA ILE A 223 -4.72 -21.36 51.31
C ILE A 223 -3.98 -22.15 50.23
N GLU A 224 -3.57 -23.41 50.53
CA GLU A 224 -2.81 -24.19 49.54
C GLU A 224 -3.62 -24.45 48.27
N GLU A 225 -4.93 -24.76 48.37
CA GLU A 225 -5.82 -24.95 47.22
C GLU A 225 -5.96 -23.63 46.43
N ALA A 226 -6.17 -22.50 47.13
CA ALA A 226 -6.33 -21.21 46.47
C ALA A 226 -5.05 -20.82 45.72
N LEU A 227 -3.91 -21.07 46.35
CA LEU A 227 -2.61 -20.77 45.72
C LEU A 227 -2.38 -21.63 44.47
N LYS A 228 -2.67 -22.95 44.55
N LYS A 228 -2.64 -22.95 44.54
CA LYS A 228 -2.48 -23.83 43.40
CA LYS A 228 -2.44 -23.81 43.35
C LYS A 228 -3.41 -23.44 42.23
C LYS A 228 -3.41 -23.48 42.21
N ASN A 229 -4.64 -23.01 42.53
CA ASN A 229 -5.62 -22.60 41.50
C ASN A 229 -5.16 -21.32 40.81
N ARG A 230 -4.57 -20.39 41.58
CA ARG A 230 -4.03 -19.17 40.97
C ARG A 230 -2.85 -19.52 40.09
N ASN A 231 -1.92 -20.34 40.61
CA ASN A 231 -0.75 -20.76 39.81
C ASN A 231 -1.12 -21.49 38.53
N PHE A 232 -2.17 -22.34 38.57
CA PHE A 232 -2.65 -23.08 37.39
C PHE A 232 -3.10 -22.11 36.28
N THR A 233 -3.86 -21.08 36.68
CA THR A 233 -4.33 -20.07 35.75
C THR A 233 -3.15 -19.28 35.18
N VAL A 234 -2.21 -18.87 36.04
CA VAL A 234 -1.03 -18.14 35.53
C VAL A 234 -0.22 -18.99 34.55
N GLU A 235 -0.04 -20.26 34.86
CA GLU A 235 0.71 -21.19 34.00
C GLU A 235 0.04 -21.28 32.62
N LYS A 236 -1.30 -21.41 32.58
CA LYS A 236 -2.01 -21.50 31.32
C LYS A 236 -1.96 -20.20 30.53
N MET A 237 -2.08 -19.06 31.20
CA MET A 237 -1.98 -17.78 30.51
C MET A 237 -0.60 -17.62 29.92
N SER A 238 0.43 -17.97 30.73
CA SER A 238 1.81 -17.84 30.29
C SER A 238 2.12 -18.76 29.10
N ALA A 239 1.61 -19.99 29.12
CA ALA A 239 1.78 -20.92 28.01
C ALA A 239 1.15 -20.36 26.73
N GLU A 240 0.00 -19.74 26.87
CA GLU A 240 -0.72 -19.17 25.74
C GLU A 240 0.01 -17.95 25.17
N ILE A 241 0.55 -17.06 26.03
CA ILE A 241 1.32 -15.92 25.55
C ILE A 241 2.61 -16.40 24.88
N ASN A 242 3.26 -17.43 25.41
CA ASN A 242 4.45 -17.97 24.74
C ASN A 242 4.09 -18.57 23.38
N GLU A 243 2.89 -19.16 23.25
CA GLU A 243 2.41 -19.67 21.95
C GLU A 243 2.19 -18.49 20.99
N ILE A 244 1.64 -17.36 21.48
CA ILE A 244 1.53 -16.16 20.65
C ILE A 244 2.89 -15.71 20.15
N ILE A 245 3.86 -15.62 21.06
CA ILE A 245 5.22 -15.21 20.69
C ILE A 245 5.79 -16.16 19.62
N ARG A 246 5.56 -17.45 19.76
CA ARG A 246 6.04 -18.42 18.77
C ARG A 246 5.37 -18.21 17.41
N VAL A 247 4.06 -18.02 17.38
CA VAL A 247 3.31 -17.83 16.13
C VAL A 247 3.69 -16.53 15.46
N LEU A 248 3.92 -15.48 16.25
CA LEU A 248 4.36 -14.20 15.69
C LEU A 248 5.66 -14.31 14.90
N GLN A 249 6.53 -15.27 15.26
CA GLN A 249 7.85 -15.44 14.60
C GLN A 249 7.87 -16.49 13.51
N LEU A 250 6.74 -17.15 13.21
CA LEU A 250 6.68 -18.17 12.19
C LEU A 250 6.69 -17.61 10.80
N THR A 251 7.40 -18.29 9.90
CA THR A 251 7.35 -18.06 8.48
C THR A 251 7.01 -19.42 7.90
N SER A 252 5.83 -19.54 7.31
CA SER A 252 5.38 -20.77 6.69
C SER A 252 6.35 -21.24 5.62
N TRP A 253 6.47 -22.58 5.49
CA TRP A 253 7.29 -23.21 4.45
C TRP A 253 6.86 -22.75 3.03
N ASP A 254 5.56 -22.40 2.84
CA ASP A 254 5.02 -22.02 1.55
C ASP A 254 5.35 -20.59 1.11
N GLU A 255 6.00 -19.78 1.96
CA GLU A 255 6.31 -18.40 1.60
C GLU A 255 7.44 -18.33 0.63
N ASP A 256 7.21 -17.58 -0.47
CA ASP A 256 8.23 -17.41 -1.49
C ASP A 256 9.36 -16.58 -0.91
N ALA A 257 10.58 -16.97 -1.24
CA ALA A 257 11.79 -16.25 -0.88
C ALA A 257 12.06 -15.42 -2.12
N TRP A 258 12.48 -14.18 -1.96
CA TRP A 258 12.77 -13.31 -3.11
C TRP A 258 14.24 -12.95 -3.04
N MET B 1 -8.62 -9.09 -15.95
CA MET B 1 -9.15 -8.38 -14.78
C MET B 1 -8.97 -9.19 -13.47
N PRO B 2 -9.15 -8.59 -12.27
CA PRO B 2 -9.57 -7.19 -11.97
C PRO B 2 -8.61 -6.15 -12.55
N VAL B 3 -9.16 -5.07 -13.16
CA VAL B 3 -8.35 -3.97 -13.73
C VAL B 3 -8.71 -2.71 -12.92
N PHE B 4 -7.71 -2.08 -12.31
CA PHE B 4 -7.89 -0.90 -11.49
C PHE B 4 -7.26 0.29 -12.14
N HIS B 5 -7.59 1.50 -11.66
CA HIS B 5 -7.10 2.73 -12.29
C HIS B 5 -5.61 2.97 -12.03
N THR B 6 -5.17 2.74 -10.79
CA THR B 6 -3.81 2.99 -10.39
C THR B 6 -3.30 1.85 -9.56
N ARG B 7 -2.00 1.80 -9.40
CA ARG B 7 -1.34 0.78 -8.55
C ARG B 7 -1.71 1.02 -7.11
N THR B 8 -1.92 2.28 -6.69
CA THR B 8 -2.37 2.53 -5.30
C THR B 8 -3.69 1.84 -5.07
N ILE B 9 -4.67 2.08 -5.96
CA ILE B 9 -6.00 1.48 -5.79
C ILE B 9 -5.92 -0.04 -5.83
N GLU B 10 -5.18 -0.60 -6.80
CA GLU B 10 -5.00 -2.04 -6.93
C GLU B 10 -4.41 -2.63 -5.64
N SER B 11 -3.42 -1.94 -5.05
CA SER B 11 -2.75 -2.42 -3.83
C SER B 11 -3.67 -2.51 -2.64
N ILE B 12 -4.74 -1.74 -2.65
CA ILE B 12 -5.70 -1.74 -1.54
C ILE B 12 -6.85 -2.66 -1.81
N LEU B 13 -7.41 -2.59 -3.03
CA LEU B 13 -8.60 -3.38 -3.36
C LEU B 13 -8.33 -4.84 -3.61
N GLU B 14 -7.05 -5.22 -3.81
CA GLU B 14 -6.64 -6.61 -3.92
C GLU B 14 -6.01 -6.99 -2.60
N PRO B 15 -6.22 -8.25 -2.16
CA PRO B 15 -6.88 -9.37 -2.84
C PRO B 15 -8.40 -9.48 -2.77
N VAL B 16 -9.10 -8.64 -2.00
CA VAL B 16 -10.53 -8.85 -1.78
C VAL B 16 -11.40 -8.70 -3.01
N ALA B 17 -11.02 -7.81 -3.95
CA ALA B 17 -11.83 -7.61 -5.16
C ALA B 17 -11.94 -8.89 -5.95
N GLN B 18 -10.82 -9.61 -6.12
CA GLN B 18 -10.87 -10.89 -6.82
C GLN B 18 -11.64 -11.95 -6.01
N GLN B 19 -11.53 -11.95 -4.65
CA GLN B 19 -12.31 -12.83 -3.79
C GLN B 19 -13.83 -12.58 -3.94
N ILE B 20 -14.25 -11.30 -3.99
CA ILE B 20 -15.66 -10.94 -4.13
C ILE B 20 -16.15 -11.26 -5.55
N SER B 21 -15.34 -10.95 -6.58
CA SER B 21 -15.70 -11.29 -7.96
C SER B 21 -15.99 -12.76 -8.07
N HIS B 22 -15.14 -13.58 -7.42
CA HIS B 22 -15.35 -15.03 -7.39
C HIS B 22 -16.63 -15.41 -6.70
N LEU B 23 -16.95 -14.81 -5.54
CA LEU B 23 -18.20 -15.12 -4.84
C LEU B 23 -19.45 -14.63 -5.61
N VAL B 24 -19.35 -13.55 -6.38
CA VAL B 24 -20.49 -13.07 -7.16
C VAL B 24 -20.84 -14.16 -8.21
N ILE B 25 -19.82 -14.88 -8.75
CA ILE B 25 -20.06 -16.02 -9.68
C ILE B 25 -20.61 -17.23 -8.89
N MET B 26 -20.09 -17.48 -7.67
CA MET B 26 -20.57 -18.56 -6.81
C MET B 26 -22.01 -18.27 -6.33
N HIS B 27 -22.40 -16.97 -6.22
CA HIS B 27 -23.75 -16.54 -5.84
C HIS B 27 -24.70 -16.59 -7.04
N GLU B 28 -24.23 -16.36 -8.28
CA GLU B 28 -25.11 -16.50 -9.45
C GLU B 28 -25.64 -17.94 -9.62
N GLU B 29 -24.93 -18.95 -9.03
CA GLU B 29 -25.35 -20.34 -9.10
C GLU B 29 -26.51 -20.74 -8.18
N GLY B 30 -26.88 -19.88 -7.20
CA GLY B 30 -27.99 -20.12 -6.28
C GLY B 30 -27.69 -20.82 -4.95
N GLU B 31 -26.41 -20.77 -4.56
CA GLU B 31 -25.78 -21.27 -3.33
C GLU B 31 -26.15 -22.68 -2.83
N VAL B 32 -26.44 -23.68 -3.70
CA VAL B 32 -26.75 -25.01 -3.16
C VAL B 32 -25.46 -25.87 -2.99
N ASP B 33 -24.80 -25.72 -1.84
CA ASP B 33 -23.65 -26.54 -1.45
C ASP B 33 -23.92 -27.32 -0.18
N GLY B 34 -24.97 -26.98 0.56
CA GLY B 34 -25.29 -27.66 1.80
C GLY B 34 -24.26 -27.54 2.88
N LYS B 35 -23.40 -26.51 2.80
CA LYS B 35 -22.36 -26.29 3.78
C LYS B 35 -22.75 -25.20 4.75
N ALA B 36 -22.13 -25.25 5.93
CA ALA B 36 -22.37 -24.30 7.02
C ALA B 36 -21.31 -23.25 6.99
N ILE B 37 -21.70 -22.03 7.28
CA ILE B 37 -20.75 -20.92 7.41
C ILE B 37 -20.39 -20.83 8.89
N PRO B 38 -19.08 -20.70 9.22
CA PRO B 38 -18.69 -20.57 10.64
C PRO B 38 -19.20 -19.26 11.25
N ASP B 39 -19.13 -19.11 12.57
CA ASP B 39 -19.64 -17.92 13.27
C ASP B 39 -18.91 -16.69 12.74
N LEU B 40 -19.61 -15.71 12.15
CA LEU B 40 -18.99 -14.51 11.58
C LEU B 40 -19.10 -13.32 12.49
N THR B 41 -19.58 -13.50 13.72
CA THR B 41 -19.74 -12.37 14.61
C THR B 41 -18.44 -11.55 14.81
N ALA B 42 -17.33 -12.22 15.16
CA ALA B 42 -16.05 -11.52 15.43
C ALA B 42 -15.43 -10.97 14.14
N PRO B 43 -15.35 -11.77 13.05
CA PRO B 43 -14.84 -11.20 11.78
C PRO B 43 -15.67 -9.98 11.31
N VAL B 44 -17.01 -10.00 11.44
CA VAL B 44 -17.84 -8.85 11.07
C VAL B 44 -17.58 -7.67 12.00
N ALA B 45 -17.41 -7.94 13.31
CA ALA B 45 -17.10 -6.85 14.23
C ALA B 45 -15.78 -6.17 13.80
N ALA B 46 -14.80 -6.94 13.29
CA ALA B 46 -13.53 -6.37 12.82
C ALA B 46 -13.75 -5.48 11.60
N VAL B 47 -14.63 -5.93 10.69
CA VAL B 47 -14.97 -5.09 9.54
C VAL B 47 -15.64 -3.79 10.01
N GLN B 48 -16.62 -3.88 10.95
CA GLN B 48 -17.32 -2.70 11.44
C GLN B 48 -16.33 -1.72 12.06
N ALA B 49 -15.36 -2.21 12.84
CA ALA B 49 -14.39 -1.33 13.46
C ALA B 49 -13.52 -0.65 12.40
N ALA B 50 -13.10 -1.42 11.39
CA ALA B 50 -12.30 -0.85 10.32
C ALA B 50 -13.10 0.19 9.52
N VAL B 51 -14.36 -0.10 9.24
CA VAL B 51 -15.21 0.83 8.49
C VAL B 51 -15.43 2.13 9.28
N SER B 52 -15.79 2.02 10.57
CA SER B 52 -15.95 3.22 11.38
C SER B 52 -14.65 4.07 11.40
N ASN B 53 -13.47 3.41 11.45
CA ASN B 53 -12.20 4.09 11.45
C ASN B 53 -11.96 4.80 10.11
N LEU B 54 -12.29 4.13 9.00
CA LEU B 54 -12.14 4.73 7.68
C LEU B 54 -13.01 6.01 7.56
N VAL B 55 -14.25 5.98 8.01
CA VAL B 55 -15.13 7.15 7.96
C VAL B 55 -14.56 8.26 8.86
N ARG B 56 -14.05 7.91 10.05
CA ARG B 56 -13.40 8.91 10.92
C ARG B 56 -12.23 9.60 10.18
N VAL B 57 -11.34 8.80 9.55
CA VAL B 57 -10.19 9.36 8.82
C VAL B 57 -10.68 10.21 7.66
N GLY B 58 -11.68 9.74 6.90
CA GLY B 58 -12.21 10.50 5.77
C GLY B 58 -12.77 11.84 6.20
N LYS B 59 -13.49 11.86 7.31
CA LYS B 59 -14.04 13.10 7.86
C LYS B 59 -12.98 14.14 8.22
N GLU B 60 -11.73 13.71 8.52
CA GLU B 60 -10.65 14.67 8.80
C GLU B 60 -10.32 15.48 7.58
N THR B 61 -10.35 14.83 6.41
CA THR B 61 -10.12 15.53 5.17
C THR B 61 -11.32 16.42 4.89
N VAL B 62 -12.55 15.91 5.06
CA VAL B 62 -13.75 16.73 4.79
C VAL B 62 -13.71 18.02 5.61
N GLN B 63 -13.39 17.92 6.91
CA GLN B 63 -13.35 19.11 7.78
C GLN B 63 -12.20 20.10 7.50
N THR B 64 -11.06 19.65 6.93
CA THR B 64 -9.89 20.51 6.69
C THR B 64 -9.69 20.98 5.25
N THR B 65 -10.05 20.16 4.25
CA THR B 65 -9.83 20.50 2.84
C THR B 65 -10.55 21.78 2.39
N GLU B 66 -9.96 22.46 1.39
CA GLU B 66 -10.55 23.61 0.73
C GLU B 66 -11.14 23.17 -0.60
N ASP B 67 -10.89 21.90 -1.00
CA ASP B 67 -11.37 21.35 -2.26
C ASP B 67 -12.86 21.03 -2.07
N GLN B 68 -13.74 21.86 -2.68
CA GLN B 68 -15.18 21.70 -2.52
C GLN B 68 -15.73 20.45 -3.20
N ILE B 69 -15.08 19.97 -4.27
CA ILE B 69 -15.53 18.75 -4.95
C ILE B 69 -15.28 17.56 -4.06
N LEU B 70 -14.02 17.45 -3.66
CA LEU B 70 -13.58 16.39 -2.77
C LEU B 70 -14.49 16.41 -1.55
N LYS B 71 -14.74 17.60 -1.02
CA LYS B 71 -15.58 17.75 0.16
C LYS B 71 -17.03 17.24 -0.05
N ARG B 72 -17.62 17.43 -1.23
CA ARG B 72 -18.98 16.91 -1.46
C ARG B 72 -18.98 15.48 -2.01
N ASP B 73 -17.89 15.01 -2.64
CA ASP B 73 -17.86 13.65 -3.18
C ASP B 73 -17.55 12.54 -2.16
N MET B 74 -16.89 12.86 -1.02
CA MET B 74 -16.56 11.86 0.03
C MET B 74 -17.77 11.36 0.87
N PRO B 75 -18.65 12.22 1.45
CA PRO B 75 -19.75 11.74 2.30
C PRO B 75 -20.65 10.62 1.75
N PRO B 76 -21.04 10.60 0.45
CA PRO B 76 -21.86 9.46 -0.03
C PRO B 76 -21.17 8.10 0.08
N ALA B 77 -19.83 8.06 0.01
CA ALA B 77 -19.09 6.82 0.14
C ALA B 77 -19.14 6.33 1.58
N PHE B 78 -19.14 7.23 2.57
CA PHE B 78 -19.27 6.84 3.97
C PHE B 78 -20.61 6.15 4.17
N ILE B 79 -21.69 6.75 3.61
CA ILE B 79 -23.02 6.18 3.72
C ILE B 79 -23.04 4.78 3.10
N LYS B 80 -22.42 4.61 1.92
CA LYS B 80 -22.37 3.30 1.27
C LYS B 80 -21.68 2.24 2.15
N VAL B 81 -20.51 2.57 2.73
CA VAL B 81 -19.81 1.59 3.57
C VAL B 81 -20.58 1.34 4.88
N GLU B 82 -21.19 2.38 5.47
CA GLU B 82 -21.94 2.19 6.71
C GLU B 82 -23.17 1.33 6.47
N ASN B 83 -23.91 1.60 5.39
CA ASN B 83 -25.07 0.77 5.03
C ASN B 83 -24.71 -0.67 4.73
N ALA B 84 -23.60 -0.91 4.05
CA ALA B 84 -23.13 -2.26 3.77
C ALA B 84 -22.72 -3.00 5.06
N CYS B 85 -22.16 -2.28 6.05
CA CYS B 85 -21.83 -2.85 7.36
C CYS B 85 -23.06 -3.38 8.00
N THR B 86 -24.15 -2.58 7.94
CA THR B 86 -25.44 -2.98 8.52
C THR B 86 -25.87 -4.33 7.94
N LYS B 87 -25.72 -4.55 6.61
CA LYS B 87 -26.06 -5.84 5.98
C LYS B 87 -25.18 -6.97 6.45
N LEU B 88 -23.87 -6.74 6.64
CA LEU B 88 -22.98 -7.80 7.12
C LEU B 88 -23.37 -8.21 8.51
N VAL B 89 -23.66 -7.24 9.37
CA VAL B 89 -24.03 -7.55 10.74
C VAL B 89 -25.29 -8.40 10.69
N GLN B 90 -26.28 -7.99 9.90
CA GLN B 90 -27.51 -8.76 9.78
C GLN B 90 -27.22 -10.19 9.28
N ALA B 91 -26.35 -10.34 8.25
CA ALA B 91 -25.95 -11.66 7.72
C ALA B 91 -25.29 -12.53 8.76
N ALA B 92 -24.36 -11.97 9.55
CA ALA B 92 -23.72 -12.77 10.59
C ALA B 92 -24.73 -13.24 11.62
N GLN B 93 -25.72 -12.39 11.96
CA GLN B 93 -26.76 -12.74 12.93
C GLN B 93 -27.61 -13.86 12.36
N MET B 94 -28.03 -13.72 11.10
CA MET B 94 -28.86 -14.73 10.44
C MET B 94 -28.12 -16.08 10.33
N LEU B 95 -26.84 -16.02 9.97
CA LEU B 95 -26.02 -17.23 9.86
C LEU B 95 -25.66 -17.82 11.20
N GLN B 96 -25.59 -17.01 12.25
CA GLN B 96 -25.34 -17.58 13.57
C GLN B 96 -26.57 -18.43 14.01
N SER B 97 -27.78 -17.97 13.65
CA SER B 97 -29.02 -18.68 13.96
C SER B 97 -29.16 -19.91 13.05
N ASP B 98 -28.84 -19.76 11.77
CA ASP B 98 -28.88 -20.85 10.78
C ASP B 98 -27.66 -20.79 9.83
N PRO B 99 -26.59 -21.48 10.22
CA PRO B 99 -25.35 -21.51 9.41
C PRO B 99 -25.49 -22.02 7.99
N TYR B 100 -26.55 -22.81 7.72
CA TYR B 100 -26.80 -23.37 6.40
C TYR B 100 -27.72 -22.48 5.54
N SER B 101 -28.14 -21.30 6.06
CA SER B 101 -29.05 -20.42 5.30
C SER B 101 -28.51 -19.94 3.99
N VAL B 102 -29.24 -20.16 2.88
CA VAL B 102 -28.89 -19.63 1.57
C VAL B 102 -29.28 -18.14 1.51
N PRO B 103 -30.50 -17.71 1.88
CA PRO B 103 -30.80 -16.26 1.81
C PRO B 103 -29.86 -15.36 2.63
N ALA B 104 -29.40 -15.84 3.77
CA ALA B 104 -28.44 -15.05 4.58
C ALA B 104 -27.16 -14.83 3.80
N ARG B 105 -26.84 -15.71 2.84
CA ARG B 105 -25.72 -15.48 1.94
C ARG B 105 -25.93 -14.28 1.03
N ASP B 106 -27.17 -13.99 0.61
CA ASP B 106 -27.46 -12.79 -0.21
C ASP B 106 -26.94 -11.62 0.53
N TYR B 107 -27.28 -11.59 1.81
CA TYR B 107 -26.96 -10.47 2.65
C TYR B 107 -25.44 -10.35 2.81
N LEU B 108 -24.79 -11.46 3.04
CA LEU B 108 -23.34 -11.49 3.22
C LEU B 108 -22.63 -11.00 1.95
N ILE B 109 -23.07 -11.49 0.78
CA ILE B 109 -22.48 -11.07 -0.52
C ILE B 109 -22.75 -9.59 -0.75
N ASP B 110 -24.02 -9.16 -0.64
CA ASP B 110 -24.37 -7.76 -0.88
C ASP B 110 -23.62 -6.82 0.02
N GLY B 111 -23.51 -7.18 1.30
CA GLY B 111 -22.78 -6.36 2.25
C GLY B 111 -21.32 -6.25 1.86
N SER B 112 -20.72 -7.38 1.48
CA SER B 112 -19.31 -7.38 1.05
C SER B 112 -19.09 -6.49 -0.18
N ARG B 113 -19.97 -6.64 -1.18
CA ARG B 113 -19.89 -5.85 -2.39
C ARG B 113 -20.00 -4.34 -2.10
N GLY B 114 -20.90 -4.00 -1.19
CA GLY B 114 -21.12 -2.61 -0.80
C GLY B 114 -19.94 -1.97 -0.12
N ILE B 115 -19.25 -2.72 0.76
CA ILE B 115 -18.06 -2.20 1.43
C ILE B 115 -16.99 -1.96 0.38
N LEU B 116 -16.79 -2.92 -0.51
CA LEU B 116 -15.80 -2.80 -1.57
C LEU B 116 -16.13 -1.61 -2.47
N SER B 117 -17.40 -1.45 -2.86
CA SER B 117 -17.84 -0.33 -3.71
C SER B 117 -17.62 1.03 -3.07
N GLY B 118 -18.03 1.19 -1.83
CA GLY B 118 -17.81 2.42 -1.10
C GLY B 118 -16.34 2.76 -0.89
N THR B 119 -15.49 1.76 -0.63
CA THR B 119 -14.06 1.98 -0.40
C THR B 119 -13.45 2.40 -1.74
N SER B 120 -13.83 1.70 -2.81
CA SER B 120 -13.37 2.06 -4.15
C SER B 120 -13.78 3.52 -4.50
N ASP B 121 -15.04 3.89 -4.23
CA ASP B 121 -15.49 5.27 -4.47
C ASP B 121 -14.67 6.29 -3.73
N LEU B 122 -14.37 6.01 -2.47
CA LEU B 122 -13.58 6.90 -1.67
C LEU B 122 -12.18 7.05 -2.28
N LEU B 123 -11.55 5.97 -2.70
CA LEU B 123 -10.22 6.04 -3.31
C LEU B 123 -10.26 6.76 -4.64
N LEU B 124 -11.31 6.54 -5.43
CA LEU B 124 -11.44 7.27 -6.72
C LEU B 124 -11.65 8.78 -6.49
N THR B 125 -12.37 9.17 -5.42
CA THR B 125 -12.53 10.59 -5.10
C THR B 125 -11.17 11.25 -4.83
N PHE B 126 -10.27 10.58 -4.06
CA PHE B 126 -8.95 11.09 -3.80
C PHE B 126 -8.15 11.14 -5.09
N ASP B 127 -8.28 10.10 -5.93
CA ASP B 127 -7.55 10.04 -7.19
C ASP B 127 -7.95 11.19 -8.09
N GLU B 128 -9.25 11.43 -8.20
CA GLU B 128 -9.78 12.54 -9.02
C GLU B 128 -9.27 13.89 -8.55
N ALA B 129 -9.12 14.10 -7.23
CA ALA B 129 -8.56 15.33 -6.66
C ALA B 129 -7.08 15.47 -7.04
N GLU B 130 -6.32 14.35 -7.04
CA GLU B 130 -4.92 14.41 -7.44
C GLU B 130 -4.85 14.82 -8.92
N VAL B 131 -5.72 14.23 -9.75
CA VAL B 131 -5.71 14.56 -11.19
C VAL B 131 -6.06 16.04 -11.41
N ARG B 132 -7.02 16.58 -10.65
CA ARG B 132 -7.34 18.01 -10.78
C ARG B 132 -6.13 18.89 -10.49
N LYS B 133 -5.33 18.52 -9.51
CA LYS B 133 -4.13 19.26 -9.11
C LYS B 133 -3.12 19.23 -10.26
N ILE B 134 -2.93 18.06 -10.89
CA ILE B 134 -2.02 17.97 -12.02
C ILE B 134 -2.52 18.83 -13.18
N ILE B 135 -3.81 18.74 -13.48
CA ILE B 135 -4.39 19.51 -14.59
C ILE B 135 -4.23 21.02 -14.37
N ARG B 136 -4.38 21.50 -13.13
CA ARG B 136 -4.15 22.92 -12.85
C ARG B 136 -2.75 23.37 -13.25
N VAL B 137 -1.74 22.55 -12.98
CA VAL B 137 -0.37 22.85 -13.37
C VAL B 137 -0.24 22.83 -14.88
N CYS B 138 -0.84 21.84 -15.54
CA CYS B 138 -0.78 21.79 -17.02
C CYS B 138 -1.42 23.04 -17.63
N LYS B 139 -2.57 23.44 -17.11
CA LYS B 139 -3.26 24.62 -17.60
C LYS B 139 -2.47 25.88 -17.32
N GLY B 140 -1.71 25.91 -16.23
CA GLY B 140 -0.88 27.06 -15.96
C GLY B 140 0.24 27.21 -16.99
N ILE B 141 0.81 26.07 -17.43
CA ILE B 141 1.83 26.12 -18.48
C ILE B 141 1.18 26.56 -19.79
N LEU B 142 -0.02 26.03 -20.13
CA LEU B 142 -0.71 26.47 -21.35
C LEU B 142 -0.91 27.97 -21.31
N GLU B 143 -1.34 28.49 -20.16
CA GLU B 143 -1.56 29.93 -20.02
C GLU B 143 -0.29 30.73 -20.21
N TYR B 144 0.81 30.29 -19.58
CA TYR B 144 2.06 31.04 -19.74
C TYR B 144 2.58 30.96 -21.17
N LEU B 145 2.26 29.87 -21.89
CA LEU B 145 2.65 29.77 -23.28
C LEU B 145 1.96 30.81 -24.14
N THR B 146 0.74 31.24 -23.76
CA THR B 146 0.05 32.32 -24.48
C THR B 146 0.77 33.68 -24.35
N VAL B 147 1.66 33.83 -23.36
CA VAL B 147 2.41 35.06 -23.12
C VAL B 147 3.64 35.13 -23.98
N ALA B 148 4.10 33.99 -24.56
CA ALA B 148 5.28 34.02 -25.39
C ALA B 148 5.20 35.08 -26.50
N GLU B 149 4.01 35.25 -27.08
CA GLU B 149 3.83 36.19 -28.19
C GLU B 149 4.02 37.67 -27.84
N VAL B 150 3.95 38.00 -26.54
CA VAL B 150 4.10 39.37 -25.99
C VAL B 150 5.59 39.76 -25.83
N VAL B 151 6.48 38.75 -25.76
CA VAL B 151 7.90 38.96 -25.54
C VAL B 151 8.57 39.58 -26.77
N GLU B 152 9.04 40.84 -26.64
CA GLU B 152 9.67 41.59 -27.72
C GLU B 152 11.10 42.11 -27.41
N THR B 153 11.66 41.83 -26.22
CA THR B 153 13.02 42.23 -25.86
C THR B 153 13.77 41.09 -25.24
N MET B 154 15.09 41.20 -25.26
CA MET B 154 15.99 40.19 -24.72
C MET B 154 15.85 40.08 -23.22
N GLU B 155 15.63 41.22 -22.55
CA GLU B 155 15.48 41.24 -21.10
C GLU B 155 14.19 40.50 -20.75
N ASP B 156 13.11 40.72 -21.52
CA ASP B 156 11.84 40.02 -21.26
C ASP B 156 11.95 38.54 -21.63
N LEU B 157 12.78 38.17 -22.61
CA LEU B 157 13.00 36.75 -22.93
C LEU B 157 13.75 36.04 -21.80
N VAL B 158 14.76 36.69 -21.21
CA VAL B 158 15.46 36.09 -20.07
C VAL B 158 14.47 35.84 -18.92
N THR B 159 13.62 36.85 -18.64
CA THR B 159 12.61 36.70 -17.61
C THR B 159 11.65 35.56 -17.92
N TYR B 160 11.18 35.51 -19.16
CA TYR B 160 10.27 34.46 -19.64
C TYR B 160 10.85 33.06 -19.45
N THR B 161 12.10 32.89 -19.87
CA THR B 161 12.80 31.60 -19.77
C THR B 161 12.97 31.20 -18.32
N LYS B 162 13.32 32.17 -17.44
CA LYS B 162 13.50 31.90 -16.01
C LYS B 162 12.21 31.52 -15.29
N ASN B 163 11.04 31.93 -15.82
CA ASN B 163 9.75 31.54 -15.27
C ASN B 163 9.30 30.21 -15.86
N LEU B 164 9.39 30.06 -17.19
CA LEU B 164 8.88 28.86 -17.85
C LEU B 164 9.65 27.57 -17.52
N GLY B 165 10.98 27.63 -17.50
CA GLY B 165 11.80 26.44 -17.22
C GLY B 165 11.42 25.75 -15.93
N PRO B 166 11.45 26.43 -14.77
CA PRO B 166 11.05 25.78 -13.51
C PRO B 166 9.58 25.31 -13.50
N GLY B 167 8.70 26.05 -14.19
CA GLY B 167 7.30 25.65 -14.26
C GLY B 167 7.18 24.34 -15.02
N MET B 168 7.91 24.23 -16.14
CA MET B 168 7.88 23.01 -16.97
C MET B 168 8.48 21.84 -16.19
N THR B 169 9.51 22.11 -15.40
CA THR B 169 10.13 21.05 -14.60
C THR B 169 9.12 20.48 -13.59
N LYS B 170 8.31 21.37 -12.97
CA LYS B 170 7.30 20.95 -12.03
C LYS B 170 6.25 20.09 -12.73
N MET B 171 5.81 20.53 -13.90
CA MET B 171 4.81 19.79 -14.65
C MET B 171 5.36 18.41 -15.04
N ALA B 172 6.60 18.35 -15.53
CA ALA B 172 7.21 17.07 -15.90
C ALA B 172 7.28 16.14 -14.69
N LYS B 173 7.65 16.67 -13.53
CA LYS B 173 7.73 15.83 -12.32
C LYS B 173 6.38 15.23 -11.94
N MET B 174 5.32 16.04 -12.03
CA MET B 174 3.96 15.58 -11.71
C MET B 174 3.49 14.53 -12.71
N ILE B 175 3.79 14.75 -14.01
CA ILE B 175 3.39 13.75 -15.00
C ILE B 175 4.15 12.46 -14.80
N ASP B 176 5.43 12.55 -14.50
CA ASP B 176 6.24 11.35 -14.27
C ASP B 176 5.71 10.54 -13.07
N GLU B 177 5.43 11.24 -11.97
CA GLU B 177 4.90 10.60 -10.75
C GLU B 177 3.52 9.99 -10.97
N ARG B 178 2.72 10.58 -11.85
CA ARG B 178 1.40 10.05 -12.15
C ARG B 178 1.50 8.83 -13.04
N GLN B 179 2.18 8.97 -14.17
CA GLN B 179 2.20 7.88 -15.13
C GLN B 179 2.76 6.59 -14.55
N GLN B 180 3.77 6.69 -13.69
CA GLN B 180 4.41 5.48 -13.16
C GLN B 180 3.46 4.58 -12.43
N GLU B 181 2.36 5.13 -11.90
CA GLU B 181 1.40 4.26 -11.18
C GLU B 181 0.11 3.98 -11.94
N LEU B 182 0.00 4.40 -13.20
CA LEU B 182 -1.19 4.03 -13.97
C LEU B 182 -1.01 2.58 -14.37
N THR B 183 -2.10 1.83 -14.39
CA THR B 183 -2.02 0.42 -14.74
C THR B 183 -2.04 0.17 -16.25
N HIS B 184 -2.52 1.14 -17.05
CA HIS B 184 -2.65 0.97 -18.48
C HIS B 184 -1.40 1.42 -19.19
N GLN B 185 -0.64 0.46 -19.72
CA GLN B 185 0.60 0.74 -20.40
C GLN B 185 0.44 1.78 -21.50
N GLU B 186 -0.64 1.69 -22.30
CA GLU B 186 -0.83 2.61 -23.41
C GLU B 186 -0.97 4.07 -22.91
N HIS B 187 -1.61 4.25 -21.76
CA HIS B 187 -1.73 5.60 -21.18
C HIS B 187 -0.39 6.11 -20.63
N ARG B 188 0.41 5.24 -20.01
CA ARG B 188 1.76 5.64 -19.55
C ARG B 188 2.60 6.09 -20.76
N VAL B 189 2.57 5.28 -21.83
CA VAL B 189 3.33 5.59 -23.05
C VAL B 189 2.87 6.95 -23.62
N MET B 190 1.55 7.18 -23.72
CA MET B 190 1.05 8.45 -24.25
C MET B 190 1.50 9.65 -23.43
N LEU B 191 1.45 9.51 -22.08
CA LEU B 191 1.91 10.60 -21.23
C LEU B 191 3.41 10.84 -21.31
N VAL B 192 4.21 9.79 -21.30
CA VAL B 192 5.67 9.94 -21.40
C VAL B 192 6.08 10.55 -22.74
N ASN B 193 5.45 10.08 -23.82
CA ASN B 193 5.79 10.59 -25.15
C ASN B 193 5.39 12.05 -25.28
N SER B 194 4.18 12.40 -24.82
CA SER B 194 3.75 13.80 -24.89
C SER B 194 4.63 14.71 -24.05
N MET B 195 4.96 14.31 -22.82
CA MET B 195 5.82 15.15 -21.99
C MET B 195 7.22 15.30 -22.61
N ASN B 196 7.74 14.24 -23.21
CA ASN B 196 9.04 14.32 -23.89
C ASN B 196 8.97 15.27 -25.07
N THR B 197 7.88 15.23 -25.84
CA THR B 197 7.73 16.16 -26.96
C THR B 197 7.75 17.61 -26.43
N VAL B 198 7.01 17.88 -25.37
CA VAL B 198 6.95 19.22 -24.81
C VAL B 198 8.34 19.66 -24.31
N LYS B 199 9.05 18.77 -23.61
CA LYS B 199 10.38 19.09 -23.10
C LYS B 199 11.36 19.40 -24.23
N GLU B 200 11.29 18.63 -25.32
CA GLU B 200 12.14 18.84 -26.49
C GLU B 200 11.80 20.12 -27.23
N LEU B 201 10.53 20.51 -27.25
CA LEU B 201 10.13 21.75 -27.88
C LEU B 201 10.48 23.01 -27.09
N LEU B 202 10.67 22.90 -25.79
CA LEU B 202 11.00 24.08 -24.97
C LEU B 202 12.23 24.84 -25.44
N PRO B 203 13.41 24.21 -25.62
CA PRO B 203 14.55 24.98 -26.16
C PRO B 203 14.32 25.50 -27.57
N VAL B 204 13.49 24.80 -28.37
CA VAL B 204 13.16 25.22 -29.72
C VAL B 204 12.36 26.51 -29.61
N LEU B 205 11.40 26.57 -28.68
CA LEU B 205 10.62 27.76 -28.45
C LEU B 205 11.52 28.92 -28.03
N ILE B 206 12.39 28.69 -27.08
CA ILE B 206 13.25 29.79 -26.58
C ILE B 206 14.14 30.30 -27.69
N SER B 207 14.67 29.39 -28.51
CA SER B 207 15.50 29.78 -29.65
C SER B 207 14.70 30.60 -30.68
N ALA B 208 13.44 30.19 -30.96
CA ALA B 208 12.58 30.90 -31.89
C ALA B 208 12.24 32.29 -31.35
N MET B 209 12.06 32.39 -30.02
CA MET B 209 11.79 33.70 -29.41
C MET B 209 13.00 34.59 -29.50
N LYS B 210 14.20 34.03 -29.28
CA LYS B 210 15.43 34.80 -29.42
C LYS B 210 15.57 35.33 -30.84
N ILE B 211 15.24 34.50 -31.86
CA ILE B 211 15.31 34.97 -33.25
C ILE B 211 14.28 36.11 -33.48
N PHE B 212 13.06 35.94 -32.99
CA PHE B 212 12.01 36.95 -33.11
C PHE B 212 12.44 38.26 -32.48
N VAL B 213 12.95 38.20 -31.24
CA VAL B 213 13.39 39.41 -30.54
C VAL B 213 14.48 40.13 -31.37
N THR B 214 15.45 39.38 -31.88
CA THR B 214 16.54 39.93 -32.68
C THR B 214 16.00 40.62 -33.93
N THR B 215 15.09 39.94 -34.66
CA THR B 215 14.49 40.52 -35.86
C THR B 215 13.71 41.82 -35.51
N LYS B 216 12.97 41.80 -34.39
CA LYS B 216 12.19 42.96 -33.94
C LYS B 216 13.11 44.14 -33.60
N ASN B 217 14.13 43.88 -32.76
CA ASN B 217 15.12 44.87 -32.30
C ASN B 217 15.90 45.47 -33.46
N SER B 218 16.22 44.68 -34.52
CA SER B 218 16.94 45.17 -35.70
C SER B 218 16.02 45.83 -36.73
N LYS B 219 14.69 45.64 -36.60
CA LYS B 219 13.68 46.10 -37.55
C LYS B 219 14.00 45.55 -38.93
N ASN B 220 14.43 44.26 -38.99
CA ASN B 220 14.79 43.65 -40.28
C ASN B 220 13.60 42.89 -40.87
N GLN B 221 13.76 42.41 -42.12
CA GLN B 221 12.70 41.70 -42.83
C GLN B 221 12.42 40.26 -42.35
N GLY B 222 13.14 39.77 -41.35
CA GLY B 222 12.90 38.41 -40.84
C GLY B 222 11.80 38.25 -39.81
N ILE B 223 11.10 39.37 -39.43
CA ILE B 223 10.05 39.35 -38.39
C ILE B 223 8.94 38.33 -38.60
N GLU B 224 8.31 38.33 -39.78
CA GLU B 224 7.11 37.55 -40.03
C GLU B 224 7.38 36.05 -39.97
N GLU B 225 8.50 35.65 -40.56
CA GLU B 225 8.97 34.26 -40.52
C GLU B 225 9.29 33.86 -39.06
N ALA B 226 10.00 34.74 -38.31
CA ALA B 226 10.36 34.45 -36.94
C ALA B 226 9.10 34.29 -36.06
N LEU B 227 8.13 35.17 -36.29
CA LEU B 227 6.87 35.11 -35.53
C LEU B 227 6.10 33.82 -35.82
N LYS B 228 5.99 33.46 -37.10
CA LYS B 228 5.28 32.24 -37.47
C LYS B 228 5.94 30.97 -36.90
N ASN B 229 7.28 30.94 -36.86
CA ASN B 229 8.04 29.80 -36.33
C ASN B 229 7.83 29.70 -34.83
N ARG B 230 7.75 30.83 -34.13
CA ARG B 230 7.48 30.81 -32.69
C ARG B 230 6.06 30.30 -32.47
N ASN B 231 5.09 30.85 -33.21
CA ASN B 231 3.69 30.43 -33.06
C ASN B 231 3.49 28.94 -33.35
N PHE B 232 4.19 28.39 -34.36
CA PHE B 232 4.10 26.98 -34.71
C PHE B 232 4.54 26.10 -33.54
N THR B 233 5.66 26.48 -32.90
CA THR B 233 6.17 25.76 -31.76
C THR B 233 5.19 25.85 -30.59
N VAL B 234 4.65 27.05 -30.32
CA VAL B 234 3.68 27.18 -29.23
C VAL B 234 2.43 26.33 -29.48
N GLU B 235 1.94 26.32 -30.72
CA GLU B 235 0.75 25.55 -31.10
C GLU B 235 0.99 24.04 -30.84
N LYS B 236 2.17 23.54 -31.23
CA LYS B 236 2.49 22.14 -31.01
C LYS B 236 2.64 21.80 -29.55
N MET B 237 3.29 22.67 -28.77
CA MET B 237 3.42 22.44 -27.34
C MET B 237 2.05 22.42 -26.68
N SER B 238 1.20 23.38 -27.07
CA SER B 238 -0.14 23.47 -26.49
C SER B 238 -1.00 22.26 -26.84
N ALA B 239 -0.90 21.77 -28.08
CA ALA B 239 -1.64 20.57 -28.48
C ALA B 239 -1.20 19.36 -27.65
N GLU B 240 0.13 19.23 -27.37
CA GLU B 240 0.63 18.13 -26.54
C GLU B 240 0.17 18.23 -25.10
N ILE B 241 0.17 19.44 -24.54
CA ILE B 241 -0.29 19.59 -23.17
C ILE B 241 -1.80 19.30 -23.09
N ASN B 242 -2.58 19.72 -24.07
CA ASN B 242 -4.02 19.39 -24.05
C ASN B 242 -4.23 17.88 -24.19
N GLU B 243 -3.36 17.19 -24.94
CA GLU B 243 -3.42 15.72 -25.06
C GLU B 243 -3.08 15.09 -23.71
N ILE B 244 -2.09 15.66 -22.97
CA ILE B 244 -1.81 15.19 -21.61
C ILE B 244 -3.02 15.33 -20.73
N ILE B 245 -3.66 16.50 -20.74
CA ILE B 245 -4.85 16.74 -19.94
C ILE B 245 -5.95 15.71 -20.28
N ARG B 246 -6.13 15.44 -21.56
CA ARG B 246 -7.13 14.45 -21.98
C ARG B 246 -6.81 13.06 -21.45
N VAL B 247 -5.56 12.63 -21.57
CA VAL B 247 -5.13 11.29 -21.14
C VAL B 247 -5.21 11.15 -19.62
N LEU B 248 -4.88 12.22 -18.89
CA LEU B 248 -5.01 12.22 -17.43
C LEU B 248 -6.42 11.93 -16.95
N GLN B 249 -7.45 12.30 -17.75
CA GLN B 249 -8.86 12.11 -17.38
C GLN B 249 -9.50 10.86 -17.93
N LEU B 250 -8.75 10.03 -18.68
CA LEU B 250 -9.31 8.82 -19.25
C LEU B 250 -9.48 7.73 -18.24
N THR B 251 -10.58 7.00 -18.35
CA THR B 251 -10.82 5.75 -17.65
C THR B 251 -11.13 4.77 -18.75
N SER B 252 -10.24 3.79 -18.95
CA SER B 252 -10.42 2.76 -19.95
C SER B 252 -11.72 2.00 -19.74
N TRP B 253 -12.34 1.58 -20.87
CA TRP B 253 -13.56 0.77 -20.84
C TRP B 253 -13.35 -0.54 -20.03
N ASP B 254 -12.10 -1.06 -20.00
CA ASP B 254 -11.78 -2.31 -19.32
C ASP B 254 -11.68 -2.23 -17.81
N GLU B 255 -11.78 -1.02 -17.22
CA GLU B 255 -11.68 -0.89 -15.77
C GLU B 255 -12.91 -1.36 -15.08
N ASP B 256 -12.73 -2.26 -14.09
CA ASP B 256 -13.84 -2.79 -13.33
C ASP B 256 -14.44 -1.68 -12.51
N ALA B 257 -15.77 -1.68 -12.45
CA ALA B 257 -16.54 -0.76 -11.62
C ALA B 257 -16.79 -1.59 -10.37
N TRP B 258 -16.72 -0.99 -9.21
CA TRP B 258 -16.96 -1.69 -7.94
C TRP B 258 -18.14 -1.05 -7.27
N THR C 5 5.69 13.71 7.62
CA THR C 5 5.46 14.16 6.24
C THR C 5 6.49 13.57 5.26
N ARG C 6 7.60 12.97 5.75
CA ARG C 6 8.62 12.43 4.88
C ARG C 6 8.18 11.11 4.25
N GLU C 7 8.64 10.85 3.05
CA GLU C 7 8.33 9.61 2.33
C GLU C 7 8.69 8.38 3.19
N THR C 8 7.81 7.36 3.23
CA THR C 8 8.08 6.17 4.00
C THR C 8 8.81 5.15 3.16
N ILE C 9 9.36 4.15 3.83
CA ILE C 9 10.03 3.05 3.13
C ILE C 9 9.05 2.31 2.26
N PHE C 10 7.79 2.27 2.68
CA PHE C 10 6.76 1.59 1.91
C PHE C 10 6.44 2.31 0.62
N GLU C 11 6.33 3.66 0.70
CA GLU C 11 6.06 4.46 -0.50
C GLU C 11 7.23 4.39 -1.44
N ALA C 12 8.46 4.47 -0.90
CA ALA C 12 9.65 4.41 -1.73
C ALA C 12 9.80 3.04 -2.39
N SER C 13 9.45 1.97 -1.68
CA SER C 13 9.53 0.64 -2.23
C SER C 13 8.50 0.44 -3.33
N LYS C 14 7.28 1.00 -3.16
CA LYS C 14 6.24 0.88 -4.19
C LYS C 14 6.68 1.62 -5.46
N LYS C 15 7.40 2.73 -5.33
CA LYS C 15 7.93 3.40 -6.52
C LYS C 15 8.91 2.48 -7.26
N VAL C 16 9.75 1.78 -6.51
CA VAL C 16 10.68 0.82 -7.09
C VAL C 16 9.93 -0.29 -7.82
N THR C 17 8.97 -0.94 -7.16
CA THR C 17 8.30 -2.04 -7.80
C THR C 17 7.42 -1.59 -8.95
N ASN C 18 6.81 -0.43 -8.88
CA ASN C 18 6.06 0.08 -10.03
C ASN C 18 6.99 0.27 -11.23
N SER C 19 8.13 0.90 -11.01
CA SER C 19 9.06 1.17 -12.12
C SER C 19 9.57 -0.17 -12.71
N LEU C 20 9.83 -1.16 -11.86
CA LEU C 20 10.30 -2.46 -12.32
C LEU C 20 9.18 -3.17 -13.09
N SER C 21 7.93 -3.06 -12.62
CA SER C 21 6.78 -3.62 -13.32
C SER C 21 6.61 -3.00 -14.72
N ASN C 22 6.78 -1.68 -14.81
CA ASN C 22 6.63 -0.96 -16.08
C ASN C 22 7.70 -1.39 -17.07
N LEU C 23 8.91 -1.62 -16.55
CA LEU C 23 10.03 -2.10 -17.38
C LEU C 23 9.76 -3.52 -17.89
N ILE C 24 9.37 -4.43 -16.97
CA ILE C 24 9.14 -5.82 -17.35
C ILE C 24 7.95 -5.94 -18.31
N SER C 25 6.95 -5.03 -18.22
CA SER C 25 5.81 -5.03 -19.16
C SER C 25 6.24 -4.84 -20.60
N LEU C 26 7.48 -4.38 -20.82
CA LEU C 26 8.04 -4.25 -22.19
C LEU C 26 8.65 -5.54 -22.75
N ILE C 27 8.83 -6.60 -21.93
CA ILE C 27 9.38 -7.87 -22.44
C ILE C 27 8.25 -8.88 -22.66
N THR D 5 2.10 11.69 10.12
CA THR D 5 1.94 11.10 11.45
C THR D 5 0.54 10.48 11.64
N ARG D 6 -0.54 11.19 11.24
CA ARG D 6 -1.90 10.66 11.38
C ARG D 6 -2.16 9.61 10.29
N GLU D 7 -2.98 8.62 10.61
CA GLU D 7 -3.33 7.56 9.67
C GLU D 7 -3.87 8.16 8.36
N THR D 8 -3.46 7.62 7.21
CA THR D 8 -3.93 8.12 5.94
C THR D 8 -5.17 7.37 5.52
N ILE D 9 -5.84 7.92 4.52
CA ILE D 9 -7.03 7.27 3.96
C ILE D 9 -6.66 5.94 3.34
N PHE D 10 -5.44 5.85 2.83
CA PHE D 10 -4.96 4.62 2.21
C PHE D 10 -4.73 3.53 3.24
N GLU D 11 -4.13 3.88 4.38
CA GLU D 11 -3.91 2.92 5.45
C GLU D 11 -5.24 2.47 6.03
N ALA D 12 -6.16 3.42 6.23
CA ALA D 12 -7.46 3.08 6.79
C ALA D 12 -8.27 2.21 5.83
N SER D 13 -8.15 2.46 4.53
CA SER D 13 -8.85 1.65 3.54
C SER D 13 -8.28 0.24 3.47
N LYS D 14 -6.96 0.10 3.61
CA LYS D 14 -6.32 -1.22 3.59
C LYS D 14 -6.77 -2.03 4.81
N LYS D 15 -6.98 -1.36 5.96
CA LYS D 15 -7.54 -2.08 7.11
C LYS D 15 -8.94 -2.64 6.80
N VAL D 16 -9.75 -1.84 6.12
CA VAL D 16 -11.07 -2.28 5.69
C VAL D 16 -10.99 -3.48 4.77
N THR D 17 -10.19 -3.39 3.70
CA THR D 17 -10.14 -4.50 2.77
C THR D 17 -9.48 -5.73 3.36
N ASN D 18 -8.50 -5.57 4.24
CA ASN D 18 -7.95 -6.75 4.90
C ASN D 18 -9.01 -7.45 5.73
N SER D 19 -9.77 -6.68 6.52
CA SER D 19 -10.79 -7.30 7.38
C SER D 19 -11.87 -7.99 6.53
N LEU D 20 -12.23 -7.40 5.40
CA LEU D 20 -13.22 -7.97 4.50
C LEU D 20 -12.65 -9.24 3.86
N SER D 21 -11.38 -9.22 3.48
CA SER D 21 -10.72 -10.40 2.92
C SER D 21 -10.69 -11.56 3.94
N ASN D 22 -10.40 -11.25 5.20
CA ASN D 22 -10.33 -12.25 6.26
C ASN D 22 -11.69 -12.87 6.49
N LEU D 23 -12.74 -12.05 6.41
CA LEU D 23 -14.12 -12.53 6.55
C LEU D 23 -14.50 -13.45 5.40
N ILE D 24 -14.23 -13.00 4.17
CA ILE D 24 -14.59 -13.80 2.99
C ILE D 24 -13.79 -15.10 2.92
N SER D 25 -12.55 -15.13 3.46
CA SER D 25 -11.75 -16.36 3.52
C SER D 25 -12.41 -17.46 4.34
N LEU D 26 -13.43 -17.10 5.15
CA LEU D 26 -14.21 -18.10 5.89
C LEU D 26 -15.36 -18.74 5.10
N ILE D 27 -15.68 -18.24 3.88
CA ILE D 27 -16.74 -18.86 3.05
C ILE D 27 -16.10 -19.73 1.97
N GLY D 28 -16.84 -20.74 1.51
CA GLY D 28 -16.38 -21.65 0.46
C GLY D 28 -16.47 -21.03 -0.92
#